data_1NOT
# 
_entry.id   1NOT 
# 
_audit_conform.dict_name       mmcif_pdbx.dic 
_audit_conform.dict_version    5.399 
_audit_conform.dict_location   http://mmcif.pdb.org/dictionaries/ascii/mmcif_pdbx.dic 
# 
loop_
_database_2.database_id 
_database_2.database_code 
_database_2.pdbx_database_accession 
_database_2.pdbx_DOI 
PDB   1NOT         pdb_00001not 10.2210/pdb1not/pdb 
WWPDB D_1000175355 ?            ?                   
# 
loop_
_pdbx_audit_revision_history.ordinal 
_pdbx_audit_revision_history.data_content_type 
_pdbx_audit_revision_history.major_revision 
_pdbx_audit_revision_history.minor_revision 
_pdbx_audit_revision_history.revision_date 
1 'Structure model' 1 0 1996-12-07 
2 'Structure model' 1 1 2008-03-24 
3 'Structure model' 1 2 2011-07-13 
4 'Structure model' 1 3 2024-06-05 
5 'Structure model' 1 4 2024-11-20 
# 
_pdbx_audit_revision_details.ordinal             1 
_pdbx_audit_revision_details.revision_ordinal    1 
_pdbx_audit_revision_details.data_content_type   'Structure model' 
_pdbx_audit_revision_details.provider            repository 
_pdbx_audit_revision_details.type                'Initial release' 
_pdbx_audit_revision_details.description         ? 
_pdbx_audit_revision_details.details             ? 
# 
loop_
_pdbx_audit_revision_group.ordinal 
_pdbx_audit_revision_group.revision_ordinal 
_pdbx_audit_revision_group.data_content_type 
_pdbx_audit_revision_group.group 
1 2 'Structure model' 'Version format compliance' 
2 3 'Structure model' 'Version format compliance' 
3 4 'Structure model' 'Data collection'           
4 4 'Structure model' 'Database references'       
5 4 'Structure model' 'Derived calculations'      
6 4 'Structure model' Other                       
7 5 'Structure model' 'Structure summary'         
# 
loop_
_pdbx_audit_revision_category.ordinal 
_pdbx_audit_revision_category.revision_ordinal 
_pdbx_audit_revision_category.data_content_type 
_pdbx_audit_revision_category.category 
1 4 'Structure model' chem_comp_atom            
2 4 'Structure model' chem_comp_bond            
3 4 'Structure model' database_2                
4 4 'Structure model' pdbx_database_status      
5 4 'Structure model' struct_conn               
6 4 'Structure model' struct_site               
7 5 'Structure model' pdbx_entry_details        
8 5 'Structure model' pdbx_modification_feature 
# 
loop_
_pdbx_audit_revision_item.ordinal 
_pdbx_audit_revision_item.revision_ordinal 
_pdbx_audit_revision_item.data_content_type 
_pdbx_audit_revision_item.item 
1  4 'Structure model' '_database_2.pdbx_DOI'                
2  4 'Structure model' '_database_2.pdbx_database_accession' 
3  4 'Structure model' '_pdbx_database_status.process_site'  
4  4 'Structure model' '_struct_conn.pdbx_leaving_atom_flag' 
5  4 'Structure model' '_struct_conn.ptnr1_auth_comp_id'     
6  4 'Structure model' '_struct_conn.ptnr1_auth_seq_id'      
7  4 'Structure model' '_struct_conn.ptnr1_label_atom_id'    
8  4 'Structure model' '_struct_conn.ptnr1_label_comp_id'    
9  4 'Structure model' '_struct_conn.ptnr1_label_seq_id'     
10 4 'Structure model' '_struct_conn.ptnr2_auth_comp_id'     
11 4 'Structure model' '_struct_conn.ptnr2_auth_seq_id'      
12 4 'Structure model' '_struct_conn.ptnr2_label_atom_id'    
13 4 'Structure model' '_struct_conn.ptnr2_label_comp_id'    
14 4 'Structure model' '_struct_conn.ptnr2_label_seq_id'     
15 4 'Structure model' '_struct_site.pdbx_auth_asym_id'      
16 4 'Structure model' '_struct_site.pdbx_auth_comp_id'      
17 4 'Structure model' '_struct_site.pdbx_auth_seq_id'       
# 
_pdbx_database_status.status_code                     REL 
_pdbx_database_status.entry_id                        1NOT 
_pdbx_database_status.recvd_initial_deposition_date   1996-05-02 
_pdbx_database_status.deposit_site                    ? 
_pdbx_database_status.process_site                    BNL 
_pdbx_database_status.SG_entry                        . 
_pdbx_database_status.pdb_format_compatible           Y 
_pdbx_database_status.status_code_mr                  ? 
_pdbx_database_status.status_code_sf                  ? 
_pdbx_database_status.status_code_cs                  ? 
_pdbx_database_status.status_code_nmr_data            ? 
_pdbx_database_status.methods_development_category    ? 
# 
loop_
_audit_author.name 
_audit_author.pdbx_ordinal 
'Guddat, L.W.'    1 
'Shan, L.'        2 
'Martin, J.L.'    3 
'Edmundson, A.B.' 4 
'Gray, W.R.'      5 
# 
loop_
_citation.id 
_citation.title 
_citation.journal_abbrev 
_citation.journal_volume 
_citation.page_first 
_citation.page_last 
_citation.year 
_citation.journal_id_ASTM 
_citation.country 
_citation.journal_id_ISSN 
_citation.journal_id_CSD 
_citation.book_publisher 
_citation.pdbx_database_id_PubMed 
_citation.pdbx_database_id_DOI 
primary 'Three-dimensional structure of the alpha-conotoxin GI at 1.2 A resolution'                Biochemistry 35 11329 11335 
1996 BICHAW US 0006-2960 0033 ? 8784187 10.1021/bi960820h 
1       'Solution Structures of Alpha-Conotoxin G1 Determined by Two-Dimensional NMR Spectroscopy' Biochemistry 28 5494  ?     
1989 BICHAW US 0006-2960 0033 ? ?       ?                 
# 
loop_
_citation_author.citation_id 
_citation_author.name 
_citation_author.ordinal 
_citation_author.identifier_ORCID 
primary 'Guddat, L.W.'    1 ? 
primary 'Martin, J.L.'    2 ? 
primary 'Shan, L.'        3 ? 
primary 'Edmundson, A.B.' 4 ? 
primary 'Gray, W.R.'      5 ? 
1       'Pardi, A.'       6 ? 
1       'Galdes, A.'      7 ? 
1       'Florance, J.'    8 ? 
1       'Maniconte, D.'   9 ? 
# 
loop_
_entity.id 
_entity.type 
_entity.src_method 
_entity.pdbx_description 
_entity.formula_weight 
_entity.pdbx_number_of_molecules 
_entity.pdbx_ec 
_entity.pdbx_mutation 
_entity.pdbx_fragment 
_entity.details 
1 polymer man 'GI ALPHA CONOTOXIN' 1442.647 1  ? ? ? ? 
2 water   nat water                18.015   21 ? ? ? ? 
# 
_entity_poly.entity_id                      1 
_entity_poly.type                           'polypeptide(L)' 
_entity_poly.nstd_linkage                   no 
_entity_poly.nstd_monomer                   yes 
_entity_poly.pdbx_seq_one_letter_code       'ECCNPACGRHYSC(NH2)' 
_entity_poly.pdbx_seq_one_letter_code_can   ECCNPACGRHYSCX 
_entity_poly.pdbx_strand_id                 A 
_entity_poly.pdbx_target_identifier         ? 
# 
_pdbx_entity_nonpoly.entity_id   2 
_pdbx_entity_nonpoly.name        water 
_pdbx_entity_nonpoly.comp_id     HOH 
# 
loop_
_entity_poly_seq.entity_id 
_entity_poly_seq.num 
_entity_poly_seq.mon_id 
_entity_poly_seq.hetero 
1 1  GLU n 
1 2  CYS n 
1 3  CYS n 
1 4  ASN n 
1 5  PRO n 
1 6  ALA n 
1 7  CYS n 
1 8  GLY n 
1 9  ARG n 
1 10 HIS n 
1 11 TYR n 
1 12 SER n 
1 13 CYS n 
1 14 NH2 n 
# 
_entity_src_gen.entity_id                          1 
_entity_src_gen.pdbx_src_id                        1 
_entity_src_gen.pdbx_alt_source_flag               sample 
_entity_src_gen.pdbx_seq_type                      ? 
_entity_src_gen.pdbx_beg_seq_num                   ? 
_entity_src_gen.pdbx_end_seq_num                   ? 
_entity_src_gen.gene_src_common_name               'geography cone' 
_entity_src_gen.gene_src_genus                     Conus 
_entity_src_gen.pdbx_gene_src_gene                 ? 
_entity_src_gen.gene_src_species                   ? 
_entity_src_gen.gene_src_strain                    ? 
_entity_src_gen.gene_src_tissue                    ? 
_entity_src_gen.gene_src_tissue_fraction           ? 
_entity_src_gen.gene_src_details                   ? 
_entity_src_gen.pdbx_gene_src_fragment             ? 
_entity_src_gen.pdbx_gene_src_scientific_name      'Conus geographus' 
_entity_src_gen.pdbx_gene_src_ncbi_taxonomy_id     6491 
_entity_src_gen.pdbx_gene_src_variant              ? 
_entity_src_gen.pdbx_gene_src_cell_line            ? 
_entity_src_gen.pdbx_gene_src_atcc                 ? 
_entity_src_gen.pdbx_gene_src_organ                ? 
_entity_src_gen.pdbx_gene_src_organelle            ? 
_entity_src_gen.pdbx_gene_src_cell                 ? 
_entity_src_gen.pdbx_gene_src_cellular_location    ? 
_entity_src_gen.host_org_common_name               ? 
_entity_src_gen.pdbx_host_org_scientific_name      ? 
_entity_src_gen.pdbx_host_org_ncbi_taxonomy_id     ? 
_entity_src_gen.host_org_genus                     ? 
_entity_src_gen.pdbx_host_org_gene                 ? 
_entity_src_gen.pdbx_host_org_organ                ? 
_entity_src_gen.host_org_species                   ? 
_entity_src_gen.pdbx_host_org_tissue               ? 
_entity_src_gen.pdbx_host_org_tissue_fraction      ? 
_entity_src_gen.pdbx_host_org_strain               ? 
_entity_src_gen.pdbx_host_org_variant              ? 
_entity_src_gen.pdbx_host_org_cell_line            ? 
_entity_src_gen.pdbx_host_org_atcc                 ? 
_entity_src_gen.pdbx_host_org_culture_collection   ? 
_entity_src_gen.pdbx_host_org_cell                 ? 
_entity_src_gen.pdbx_host_org_organelle            ? 
_entity_src_gen.pdbx_host_org_cellular_location    ? 
_entity_src_gen.pdbx_host_org_vector_type          ? 
_entity_src_gen.pdbx_host_org_vector               ? 
_entity_src_gen.host_org_details                   ? 
_entity_src_gen.expression_system_id               ? 
_entity_src_gen.plasmid_name                       ? 
_entity_src_gen.plasmid_details                    ? 
_entity_src_gen.pdbx_description                   ? 
# 
loop_
_chem_comp.id 
_chem_comp.type 
_chem_comp.mon_nstd_flag 
_chem_comp.name 
_chem_comp.pdbx_synonyms 
_chem_comp.formula 
_chem_comp.formula_weight 
ALA 'L-peptide linking' y ALANINE         ? 'C3 H7 N O2'     89.093  
ARG 'L-peptide linking' y ARGININE        ? 'C6 H15 N4 O2 1' 175.209 
ASN 'L-peptide linking' y ASPARAGINE      ? 'C4 H8 N2 O3'    132.118 
CYS 'L-peptide linking' y CYSTEINE        ? 'C3 H7 N O2 S'   121.158 
GLU 'L-peptide linking' y 'GLUTAMIC ACID' ? 'C5 H9 N O4'     147.129 
GLY 'peptide linking'   y GLYCINE         ? 'C2 H5 N O2'     75.067  
HIS 'L-peptide linking' y HISTIDINE       ? 'C6 H10 N3 O2 1' 156.162 
HOH non-polymer         . WATER           ? 'H2 O'           18.015  
NH2 non-polymer         . 'AMINO GROUP'   ? 'H2 N'           16.023  
PRO 'L-peptide linking' y PROLINE         ? 'C5 H9 N O2'     115.130 
SER 'L-peptide linking' y SERINE          ? 'C3 H7 N O3'     105.093 
TYR 'L-peptide linking' y TYROSINE        ? 'C9 H11 N O3'    181.189 
# 
loop_
_pdbx_poly_seq_scheme.asym_id 
_pdbx_poly_seq_scheme.entity_id 
_pdbx_poly_seq_scheme.seq_id 
_pdbx_poly_seq_scheme.mon_id 
_pdbx_poly_seq_scheme.ndb_seq_num 
_pdbx_poly_seq_scheme.pdb_seq_num 
_pdbx_poly_seq_scheme.auth_seq_num 
_pdbx_poly_seq_scheme.pdb_mon_id 
_pdbx_poly_seq_scheme.auth_mon_id 
_pdbx_poly_seq_scheme.pdb_strand_id 
_pdbx_poly_seq_scheme.pdb_ins_code 
_pdbx_poly_seq_scheme.hetero 
A 1 1  GLU 1  1  1  GLU GLU A . n 
A 1 2  CYS 2  2  2  CYS CYS A . n 
A 1 3  CYS 3  3  3  CYS CYS A . n 
A 1 4  ASN 4  4  4  ASN ASN A . n 
A 1 5  PRO 5  5  5  PRO PRO A . n 
A 1 6  ALA 6  6  6  ALA ALA A . n 
A 1 7  CYS 7  7  7  CYS CYS A . n 
A 1 8  GLY 8  8  8  GLY GLY A . n 
A 1 9  ARG 9  9  9  ARG ARG A . n 
A 1 10 HIS 10 10 10 HIS HIS A . n 
A 1 11 TYR 11 11 11 TYR TYR A . n 
A 1 12 SER 12 12 12 SER SER A . n 
A 1 13 CYS 13 13 13 CYS CYS A . n 
A 1 14 NH2 14 14 14 NH2 NH2 A . n 
# 
loop_
_pdbx_nonpoly_scheme.asym_id 
_pdbx_nonpoly_scheme.entity_id 
_pdbx_nonpoly_scheme.mon_id 
_pdbx_nonpoly_scheme.ndb_seq_num 
_pdbx_nonpoly_scheme.pdb_seq_num 
_pdbx_nonpoly_scheme.auth_seq_num 
_pdbx_nonpoly_scheme.pdb_mon_id 
_pdbx_nonpoly_scheme.auth_mon_id 
_pdbx_nonpoly_scheme.pdb_strand_id 
_pdbx_nonpoly_scheme.pdb_ins_code 
B 2 HOH 1  15 14 HOH HOH A . 
B 2 HOH 2  16 15 HOH HOH A . 
B 2 HOH 3  17 16 HOH HOH A . 
B 2 HOH 4  18 17 HOH HOH A . 
B 2 HOH 5  19 18 HOH HOH A . 
B 2 HOH 6  20 19 HOH HOH A . 
B 2 HOH 7  21 20 HOH HOH A . 
B 2 HOH 8  22 21 HOH HOH A . 
B 2 HOH 9  23 22 HOH HOH A . 
B 2 HOH 10 24 23 HOH HOH A . 
B 2 HOH 11 25 24 HOH HOH A . 
B 2 HOH 12 26 25 HOH HOH A . 
B 2 HOH 13 27 26 HOH HOH A . 
B 2 HOH 14 28 27 HOH HOH A . 
B 2 HOH 15 29 28 HOH HOH A . 
B 2 HOH 16 30 29 HOH HOH A . 
B 2 HOH 17 31 30 HOH HOH A . 
B 2 HOH 18 32 31 HOH HOH A . 
B 2 HOH 19 33 32 HOH HOH A . 
B 2 HOH 20 34 33 HOH HOH A . 
B 2 HOH 21 35 34 HOH HOH A . 
# 
loop_
_software.name 
_software.classification 
_software.version 
_software.citation_id 
_software.pdbx_ordinal 
PROCESS      'data collection' .   ? 1 
PROCESS      'data reduction'  .   ? 2 
SHAKE-N-BAKE 'model building'  .   ? 3 
X-PLOR       refinement        3.1 ? 4 
PROCESS      'data scaling'    .   ? 5 
SHAKE-N-BAKE phasing           .   ? 6 
# 
_cell.entry_id           1NOT 
_cell.length_a           14.900 
_cell.length_b           14.600 
_cell.length_c           22.600 
_cell.angle_alpha        90.00 
_cell.angle_beta         100.29 
_cell.angle_gamma        90.00 
_cell.Z_PDB              2 
_cell.pdbx_unique_axis   ? 
# 
_symmetry.entry_id                         1NOT 
_symmetry.space_group_name_H-M             'P 1 21 1' 
_symmetry.pdbx_full_space_group_name_H-M   ? 
_symmetry.cell_setting                     ? 
_symmetry.Int_Tables_number                4 
# 
_exptl.entry_id          1NOT 
_exptl.method            'X-RAY DIFFRACTION' 
_exptl.crystals_number   1 
# 
_exptl_crystal.id                    1 
_exptl_crystal.density_meas          ? 
_exptl_crystal.density_Matthews      1.68 
_exptl_crystal.density_percent_sol   27. 
_exptl_crystal.description           ? 
# 
_exptl_crystal_grow.crystal_id      1 
_exptl_crystal_grow.method          ? 
_exptl_crystal_grow.temp            ? 
_exptl_crystal_grow.temp_details    ? 
_exptl_crystal_grow.pH              5.2 
_exptl_crystal_grow.pdbx_pH_range   ? 
_exptl_crystal_grow.pdbx_details    'pH 5.2' 
# 
_diffrn.id                     1 
_diffrn.ambient_temp           287 
_diffrn.ambient_temp_details   ? 
_diffrn.crystal_id             1 
# 
_diffrn_detector.diffrn_id              1 
_diffrn_detector.detector               'IMAGE PLATE' 
_diffrn_detector.type                   'RIGAKU RAXIS IIC' 
_diffrn_detector.pdbx_collection_date   1995-03-15 
_diffrn_detector.details                ? 
# 
_diffrn_radiation.diffrn_id                        1 
_diffrn_radiation.wavelength_id                    1 
_diffrn_radiation.pdbx_monochromatic_or_laue_m_l   M 
_diffrn_radiation.monochromator                    ? 
_diffrn_radiation.pdbx_diffrn_protocol             ? 
_diffrn_radiation.pdbx_scattering_type             x-ray 
# 
_diffrn_radiation_wavelength.id           1 
_diffrn_radiation_wavelength.wavelength   1.5418 
_diffrn_radiation_wavelength.wt           1.0 
# 
_diffrn_source.diffrn_id                   1 
_diffrn_source.source                      'ROTATING ANODE' 
_diffrn_source.type                        'RIGAKU RUH2R' 
_diffrn_source.pdbx_synchrotron_site       ? 
_diffrn_source.pdbx_synchrotron_beamline   ? 
_diffrn_source.pdbx_wavelength             1.5418 
_diffrn_source.pdbx_wavelength_list        ? 
# 
_reflns.entry_id                     1NOT 
_reflns.observed_criterion_sigma_I   ? 
_reflns.observed_criterion_sigma_F   ? 
_reflns.d_resolution_low             22.0 
_reflns.d_resolution_high            1.10 
_reflns.number_obs                   3597 
_reflns.number_all                   ? 
_reflns.percent_possible_obs         84.2 
_reflns.pdbx_Rmerge_I_obs            0.0718 
_reflns.pdbx_Rsym_value              ? 
_reflns.pdbx_netI_over_sigmaI        13.64 
_reflns.B_iso_Wilson_estimate        ? 
_reflns.pdbx_redundancy              7.6 
_reflns.pdbx_diffrn_id               1 
_reflns.pdbx_ordinal                 1 
# 
_reflns_shell.d_res_high             1.10 
_reflns_shell.d_res_low              1.20 
_reflns_shell.percent_possible_all   54.90 
_reflns_shell.Rmerge_I_obs           0.335 
_reflns_shell.pdbx_Rsym_value        ? 
_reflns_shell.meanI_over_sigI_obs    4.23 
_reflns_shell.pdbx_redundancy        6.80 
_reflns_shell.pdbx_diffrn_id         ? 
_reflns_shell.pdbx_ordinal           1 
# 
_refine.entry_id                                 1NOT 
_refine.ls_number_reflns_obs                     2960 
_refine.ls_number_reflns_all                     ? 
_refine.pdbx_ls_sigma_I                          ? 
_refine.pdbx_ls_sigma_F                          2.0 
_refine.pdbx_data_cutoff_high_absF               ? 
_refine.pdbx_data_cutoff_low_absF                ? 
_refine.pdbx_data_cutoff_high_rms_absF           ? 
_refine.ls_d_res_low                             6.0 
_refine.ls_d_res_high                            1.2 
_refine.ls_percent_reflns_obs                    95.8 
_refine.ls_R_factor_obs                          0.178 
_refine.ls_R_factor_all                          ? 
_refine.ls_R_factor_R_work                       0.178 
_refine.ls_R_factor_R_free                       0.222 
_refine.ls_R_factor_R_free_error                 ? 
_refine.ls_R_factor_R_free_error_details         ? 
_refine.ls_percent_reflns_R_free                 10.0 
_refine.ls_number_reflns_R_free                  306 
_refine.ls_number_parameters                     ? 
_refine.ls_number_restraints                     ? 
_refine.occupancy_min                            ? 
_refine.occupancy_max                            ? 
_refine.B_iso_mean                               15.9 
_refine.aniso_B[1][1]                            ? 
_refine.aniso_B[2][2]                            ? 
_refine.aniso_B[3][3]                            ? 
_refine.aniso_B[1][2]                            ? 
_refine.aniso_B[1][3]                            ? 
_refine.aniso_B[2][3]                            ? 
_refine.solvent_model_details                    ? 
_refine.solvent_model_param_ksol                 ? 
_refine.solvent_model_param_bsol                 ? 
_refine.pdbx_ls_cross_valid_method               RFREE 
_refine.details                                  ? 
_refine.pdbx_starting_model                      ? 
_refine.pdbx_method_to_determine_struct          'DIRECT METHODS' 
_refine.pdbx_isotropic_thermal_model             ? 
_refine.pdbx_stereochemistry_target_values       ? 
_refine.pdbx_stereochem_target_val_spec_case     ? 
_refine.pdbx_R_Free_selection_details            RANDOM 
_refine.pdbx_overall_ESU_R                       ? 
_refine.pdbx_overall_ESU_R_Free                  ? 
_refine.overall_SU_ML                            ? 
_refine.overall_SU_B                             ? 
_refine.pdbx_refine_id                           'X-RAY DIFFRACTION' 
_refine.pdbx_diffrn_id                           1 
_refine.pdbx_TLS_residual_ADP_flag               ? 
_refine.correlation_coeff_Fo_to_Fc               ? 
_refine.correlation_coeff_Fo_to_Fc_free          ? 
_refine.pdbx_solvent_vdw_probe_radii             ? 
_refine.pdbx_solvent_ion_probe_radii             ? 
_refine.pdbx_solvent_shrinkage_radii             ? 
_refine.pdbx_overall_phase_error                 ? 
_refine.overall_SU_R_Cruickshank_DPI             ? 
_refine.pdbx_overall_SU_R_free_Cruickshank_DPI   ? 
_refine.pdbx_overall_SU_R_Blow_DPI               ? 
_refine.pdbx_overall_SU_R_free_Blow_DPI          ? 
# 
_refine_analyze.entry_id                        1NOT 
_refine_analyze.Luzzati_coordinate_error_obs    0.17 
_refine_analyze.Luzzati_sigma_a_obs             ? 
_refine_analyze.Luzzati_d_res_low_obs           6.0 
_refine_analyze.Luzzati_coordinate_error_free   0.23 
_refine_analyze.Luzzati_sigma_a_free            ? 
_refine_analyze.Luzzati_d_res_low_free          ? 
_refine_analyze.number_disordered_residues      ? 
_refine_analyze.occupancy_sum_hydrogen          ? 
_refine_analyze.occupancy_sum_non_hydrogen      ? 
_refine_analyze.pdbx_refine_id                  'X-RAY DIFFRACTION' 
# 
_refine_hist.pdbx_refine_id                   'X-RAY DIFFRACTION' 
_refine_hist.cycle_id                         LAST 
_refine_hist.pdbx_number_atoms_protein        97 
_refine_hist.pdbx_number_atoms_nucleic_acid   0 
_refine_hist.pdbx_number_atoms_ligand         0 
_refine_hist.number_atoms_solvent             21 
_refine_hist.number_atoms_total               118 
_refine_hist.d_res_high                       1.2 
_refine_hist.d_res_low                        6.0 
# 
loop_
_refine_ls_restr.type 
_refine_ls_restr.dev_ideal 
_refine_ls_restr.dev_ideal_target 
_refine_ls_restr.weight 
_refine_ls_restr.number 
_refine_ls_restr.pdbx_refine_id 
_refine_ls_restr.pdbx_restraint_function 
x_bond_d                0.007 ?    ? ? 'X-RAY DIFFRACTION' ? 
x_bond_d_na             ?     ?    ? ? 'X-RAY DIFFRACTION' ? 
x_bond_d_prot           ?     ?    ? ? 'X-RAY DIFFRACTION' ? 
x_angle_d               ?     ?    ? ? 'X-RAY DIFFRACTION' ? 
x_angle_d_na            ?     ?    ? ? 'X-RAY DIFFRACTION' ? 
x_angle_d_prot          ?     ?    ? ? 'X-RAY DIFFRACTION' ? 
x_angle_deg             1.72  ?    ? ? 'X-RAY DIFFRACTION' ? 
x_angle_deg_na          ?     ?    ? ? 'X-RAY DIFFRACTION' ? 
x_angle_deg_prot        ?     ?    ? ? 'X-RAY DIFFRACTION' ? 
x_dihedral_angle_d      26.11 ?    ? ? 'X-RAY DIFFRACTION' ? 
x_dihedral_angle_d_na   ?     ?    ? ? 'X-RAY DIFFRACTION' ? 
x_dihedral_angle_d_prot ?     ?    ? ? 'X-RAY DIFFRACTION' ? 
x_improper_angle_d      1.41  ?    ? ? 'X-RAY DIFFRACTION' ? 
x_improper_angle_d_na   ?     ?    ? ? 'X-RAY DIFFRACTION' ? 
x_improper_angle_d_prot ?     ?    ? ? 'X-RAY DIFFRACTION' ? 
x_mcbond_it             ?     1.50 ? ? 'X-RAY DIFFRACTION' ? 
x_mcangle_it            ?     2.00 ? ? 'X-RAY DIFFRACTION' ? 
x_scbond_it             ?     2.00 ? ? 'X-RAY DIFFRACTION' ? 
x_scangle_it            ?     2.50 ? ? 'X-RAY DIFFRACTION' ? 
# 
_refine_ls_shell.pdbx_total_number_of_bins_used   ? 
_refine_ls_shell.d_res_high                       1.20 
_refine_ls_shell.d_res_low                        1.25 
_refine_ls_shell.number_reflns_R_work             292 
_refine_ls_shell.R_factor_R_work                  0.302 
_refine_ls_shell.percent_reflns_obs               83.6 
_refine_ls_shell.R_factor_R_free                  0.351 
_refine_ls_shell.R_factor_R_free_error            ? 
_refine_ls_shell.percent_reflns_R_free            8.95 
_refine_ls_shell.number_reflns_R_free             35 
_refine_ls_shell.pdbx_refine_id                   'X-RAY DIFFRACTION' 
_refine_ls_shell.number_reflns_all                ? 
_refine_ls_shell.R_factor_all                     ? 
# 
_struct.entry_id                  1NOT 
_struct.title                     'THE 1.2 ANGSTROM STRUCTURE OF G1 ALPHA CONOTOXIN' 
_struct.pdbx_model_details        ? 
_struct.pdbx_CASP_flag            ? 
_struct.pdbx_model_type_details   ? 
# 
_struct_keywords.entry_id        1NOT 
_struct_keywords.pdbx_keywords   CONOTOXIN 
_struct_keywords.text            'VENOM, DISULPHIDE LOOP, CONOTOXIN, ACETYLCHOLINE RECEPTOR' 
# 
loop_
_struct_asym.id 
_struct_asym.pdbx_blank_PDB_chainid_flag 
_struct_asym.pdbx_modified 
_struct_asym.entity_id 
_struct_asym.details 
A N N 1 ? 
B N N 2 ? 
# 
_struct_ref.id                         1 
_struct_ref.db_name                    UNP 
_struct_ref.db_code                    CXAA_CONGE 
_struct_ref.entity_id                  1 
_struct_ref.pdbx_db_accession          P01519 
_struct_ref.pdbx_align_begin           1 
_struct_ref.pdbx_seq_one_letter_code   ECCNPACGRHYSCGK 
_struct_ref.pdbx_db_isoform            ? 
# 
_struct_ref_seq.align_id                      1 
_struct_ref_seq.ref_id                        1 
_struct_ref_seq.pdbx_PDB_id_code              1NOT 
_struct_ref_seq.pdbx_strand_id                A 
_struct_ref_seq.seq_align_beg                 1 
_struct_ref_seq.pdbx_seq_align_beg_ins_code   ? 
_struct_ref_seq.seq_align_end                 13 
_struct_ref_seq.pdbx_seq_align_end_ins_code   ? 
_struct_ref_seq.pdbx_db_accession             P01519 
_struct_ref_seq.db_align_beg                  1 
_struct_ref_seq.pdbx_db_align_beg_ins_code    ? 
_struct_ref_seq.db_align_end                  13 
_struct_ref_seq.pdbx_db_align_end_ins_code    ? 
_struct_ref_seq.pdbx_auth_seq_align_beg       1 
_struct_ref_seq.pdbx_auth_seq_align_end       13 
# 
_pdbx_struct_assembly.id                   1 
_pdbx_struct_assembly.details              author_defined_assembly 
_pdbx_struct_assembly.method_details       ? 
_pdbx_struct_assembly.oligomeric_details   monomeric 
_pdbx_struct_assembly.oligomeric_count     1 
# 
_pdbx_struct_assembly_gen.assembly_id       1 
_pdbx_struct_assembly_gen.oper_expression   1 
_pdbx_struct_assembly_gen.asym_id_list      A,B 
# 
_pdbx_struct_oper_list.id                   1 
_pdbx_struct_oper_list.type                 'identity operation' 
_pdbx_struct_oper_list.name                 1_555 
_pdbx_struct_oper_list.symmetry_operation   x,y,z 
_pdbx_struct_oper_list.matrix[1][1]         1.0000000000 
_pdbx_struct_oper_list.matrix[1][2]         0.0000000000 
_pdbx_struct_oper_list.matrix[1][3]         0.0000000000 
_pdbx_struct_oper_list.vector[1]            0.0000000000 
_pdbx_struct_oper_list.matrix[2][1]         0.0000000000 
_pdbx_struct_oper_list.matrix[2][2]         1.0000000000 
_pdbx_struct_oper_list.matrix[2][3]         0.0000000000 
_pdbx_struct_oper_list.vector[2]            0.0000000000 
_pdbx_struct_oper_list.matrix[3][1]         0.0000000000 
_pdbx_struct_oper_list.matrix[3][2]         0.0000000000 
_pdbx_struct_oper_list.matrix[3][3]         1.0000000000 
_pdbx_struct_oper_list.vector[3]            0.0000000000 
# 
_struct_biol.id   1 
# 
_struct_conf.conf_type_id            HELX_P 
_struct_conf.id                      HELX_P1 
_struct_conf.pdbx_PDB_helix_id       1 
_struct_conf.beg_label_comp_id       PRO 
_struct_conf.beg_label_asym_id       A 
_struct_conf.beg_label_seq_id        5 
_struct_conf.pdbx_beg_PDB_ins_code   ? 
_struct_conf.end_label_comp_id       HIS 
_struct_conf.end_label_asym_id       A 
_struct_conf.end_label_seq_id        10 
_struct_conf.pdbx_end_PDB_ins_code   ? 
_struct_conf.beg_auth_comp_id        PRO 
_struct_conf.beg_auth_asym_id        A 
_struct_conf.beg_auth_seq_id         5 
_struct_conf.end_auth_comp_id        HIS 
_struct_conf.end_auth_asym_id        A 
_struct_conf.end_auth_seq_id         10 
_struct_conf.pdbx_PDB_helix_class    5 
_struct_conf.details                 ? 
_struct_conf.pdbx_PDB_helix_length   6 
# 
_struct_conf_type.id          HELX_P 
_struct_conf_type.criteria    ? 
_struct_conf_type.reference   ? 
# 
loop_
_struct_conn.id 
_struct_conn.conn_type_id 
_struct_conn.pdbx_leaving_atom_flag 
_struct_conn.pdbx_PDB_id 
_struct_conn.ptnr1_label_asym_id 
_struct_conn.ptnr1_label_comp_id 
_struct_conn.ptnr1_label_seq_id 
_struct_conn.ptnr1_label_atom_id 
_struct_conn.pdbx_ptnr1_label_alt_id 
_struct_conn.pdbx_ptnr1_PDB_ins_code 
_struct_conn.pdbx_ptnr1_standard_comp_id 
_struct_conn.ptnr1_symmetry 
_struct_conn.ptnr2_label_asym_id 
_struct_conn.ptnr2_label_comp_id 
_struct_conn.ptnr2_label_seq_id 
_struct_conn.ptnr2_label_atom_id 
_struct_conn.pdbx_ptnr2_label_alt_id 
_struct_conn.pdbx_ptnr2_PDB_ins_code 
_struct_conn.ptnr1_auth_asym_id 
_struct_conn.ptnr1_auth_comp_id 
_struct_conn.ptnr1_auth_seq_id 
_struct_conn.ptnr2_auth_asym_id 
_struct_conn.ptnr2_auth_comp_id 
_struct_conn.ptnr2_auth_seq_id 
_struct_conn.ptnr2_symmetry 
_struct_conn.pdbx_ptnr3_label_atom_id 
_struct_conn.pdbx_ptnr3_label_seq_id 
_struct_conn.pdbx_ptnr3_label_comp_id 
_struct_conn.pdbx_ptnr3_label_asym_id 
_struct_conn.pdbx_ptnr3_label_alt_id 
_struct_conn.pdbx_ptnr3_PDB_ins_code 
_struct_conn.details 
_struct_conn.pdbx_dist_value 
_struct_conn.pdbx_value_order 
_struct_conn.pdbx_role 
disulf1 disulf ?    ? A CYS 2  SG ? ? ? 1_555 A CYS 7  SG ? ? A CYS 2  A CYS 7  1_555 ? ? ? ? ? ? ? 2.031 ? ? 
disulf2 disulf ?    ? A CYS 3  SG ? ? ? 1_555 A CYS 13 SG ? ? A CYS 3  A CYS 13 1_555 ? ? ? ? ? ? ? 2.019 ? ? 
covale1 covale both ? A CYS 13 C  ? ? ? 1_555 A NH2 14 N  ? ? A CYS 13 A NH2 14 1_555 ? ? ? ? ? ? ? 1.320 ? ? 
# 
loop_
_struct_conn_type.id 
_struct_conn_type.criteria 
_struct_conn_type.reference 
disulf ? ? 
covale ? ? 
# 
loop_
_pdbx_modification_feature.ordinal 
_pdbx_modification_feature.label_comp_id 
_pdbx_modification_feature.label_asym_id 
_pdbx_modification_feature.label_seq_id 
_pdbx_modification_feature.label_alt_id 
_pdbx_modification_feature.modified_residue_label_comp_id 
_pdbx_modification_feature.modified_residue_label_asym_id 
_pdbx_modification_feature.modified_residue_label_seq_id 
_pdbx_modification_feature.modified_residue_label_alt_id 
_pdbx_modification_feature.auth_comp_id 
_pdbx_modification_feature.auth_asym_id 
_pdbx_modification_feature.auth_seq_id 
_pdbx_modification_feature.PDB_ins_code 
_pdbx_modification_feature.symmetry 
_pdbx_modification_feature.modified_residue_auth_comp_id 
_pdbx_modification_feature.modified_residue_auth_asym_id 
_pdbx_modification_feature.modified_residue_auth_seq_id 
_pdbx_modification_feature.modified_residue_PDB_ins_code 
_pdbx_modification_feature.modified_residue_symmetry 
_pdbx_modification_feature.comp_id_linking_atom 
_pdbx_modification_feature.modified_residue_id_linking_atom 
_pdbx_modification_feature.modified_residue_id 
_pdbx_modification_feature.ref_pcm_id 
_pdbx_modification_feature.ref_comp_id 
_pdbx_modification_feature.type 
_pdbx_modification_feature.category 
1 NH2 A 14 ? CYS A 13 ? NH2 A 14 ? 1_555 CYS A 13 ? 1_555 .  .  CYS 11 NH2 None 'Terminal amidation' 
2 CYS A 2  ? CYS A 7  ? CYS A 2  ? 1_555 CYS A 7  ? 1_555 SG SG .   .  .   None 'Disulfide bridge'   
3 CYS A 3  ? CYS A 13 ? CYS A 3  ? 1_555 CYS A 13 ? 1_555 SG SG .   .  .   None 'Disulfide bridge'   
# 
_struct_site.id                   AC1 
_struct_site.pdbx_evidence_code   Software 
_struct_site.pdbx_auth_asym_id    A 
_struct_site.pdbx_auth_comp_id    NH2 
_struct_site.pdbx_auth_seq_id     14 
_struct_site.pdbx_auth_ins_code   ? 
_struct_site.pdbx_num_residues    1 
_struct_site.details              'BINDING SITE FOR RESIDUE NH2 A 14' 
# 
_struct_site_gen.id                   1 
_struct_site_gen.site_id              AC1 
_struct_site_gen.pdbx_num_res         1 
_struct_site_gen.label_comp_id        CYS 
_struct_site_gen.label_asym_id        A 
_struct_site_gen.label_seq_id         13 
_struct_site_gen.pdbx_auth_ins_code   ? 
_struct_site_gen.auth_comp_id         CYS 
_struct_site_gen.auth_asym_id         A 
_struct_site_gen.auth_seq_id          13 
_struct_site_gen.label_atom_id        . 
_struct_site_gen.label_alt_id         ? 
_struct_site_gen.symmetry             1_555 
_struct_site_gen.details              ? 
# 
_pdbx_entry_details.entry_id                   1NOT 
_pdbx_entry_details.compound_details           ? 
_pdbx_entry_details.source_details             ? 
_pdbx_entry_details.nonpolymer_details         ? 
_pdbx_entry_details.sequence_details           ? 
_pdbx_entry_details.has_ligand_of_interest     ? 
_pdbx_entry_details.has_protein_modification   Y 
# 
loop_
_chem_comp_atom.comp_id 
_chem_comp_atom.atom_id 
_chem_comp_atom.type_symbol 
_chem_comp_atom.pdbx_aromatic_flag 
_chem_comp_atom.pdbx_stereo_config 
_chem_comp_atom.pdbx_ordinal 
ALA N    N N N 1   
ALA CA   C N S 2   
ALA C    C N N 3   
ALA O    O N N 4   
ALA CB   C N N 5   
ALA OXT  O N N 6   
ALA H    H N N 7   
ALA H2   H N N 8   
ALA HA   H N N 9   
ALA HB1  H N N 10  
ALA HB2  H N N 11  
ALA HB3  H N N 12  
ALA HXT  H N N 13  
ARG N    N N N 14  
ARG CA   C N S 15  
ARG C    C N N 16  
ARG O    O N N 17  
ARG CB   C N N 18  
ARG CG   C N N 19  
ARG CD   C N N 20  
ARG NE   N N N 21  
ARG CZ   C N N 22  
ARG NH1  N N N 23  
ARG NH2  N N N 24  
ARG OXT  O N N 25  
ARG H    H N N 26  
ARG H2   H N N 27  
ARG HA   H N N 28  
ARG HB2  H N N 29  
ARG HB3  H N N 30  
ARG HG2  H N N 31  
ARG HG3  H N N 32  
ARG HD2  H N N 33  
ARG HD3  H N N 34  
ARG HE   H N N 35  
ARG HH11 H N N 36  
ARG HH12 H N N 37  
ARG HH21 H N N 38  
ARG HH22 H N N 39  
ARG HXT  H N N 40  
ASN N    N N N 41  
ASN CA   C N S 42  
ASN C    C N N 43  
ASN O    O N N 44  
ASN CB   C N N 45  
ASN CG   C N N 46  
ASN OD1  O N N 47  
ASN ND2  N N N 48  
ASN OXT  O N N 49  
ASN H    H N N 50  
ASN H2   H N N 51  
ASN HA   H N N 52  
ASN HB2  H N N 53  
ASN HB3  H N N 54  
ASN HD21 H N N 55  
ASN HD22 H N N 56  
ASN HXT  H N N 57  
CYS N    N N N 58  
CYS CA   C N R 59  
CYS C    C N N 60  
CYS O    O N N 61  
CYS CB   C N N 62  
CYS SG   S N N 63  
CYS OXT  O N N 64  
CYS H    H N N 65  
CYS H2   H N N 66  
CYS HA   H N N 67  
CYS HB2  H N N 68  
CYS HB3  H N N 69  
CYS HG   H N N 70  
CYS HXT  H N N 71  
GLU N    N N N 72  
GLU CA   C N S 73  
GLU C    C N N 74  
GLU O    O N N 75  
GLU CB   C N N 76  
GLU CG   C N N 77  
GLU CD   C N N 78  
GLU OE1  O N N 79  
GLU OE2  O N N 80  
GLU OXT  O N N 81  
GLU H    H N N 82  
GLU H2   H N N 83  
GLU HA   H N N 84  
GLU HB2  H N N 85  
GLU HB3  H N N 86  
GLU HG2  H N N 87  
GLU HG3  H N N 88  
GLU HE2  H N N 89  
GLU HXT  H N N 90  
GLY N    N N N 91  
GLY CA   C N N 92  
GLY C    C N N 93  
GLY O    O N N 94  
GLY OXT  O N N 95  
GLY H    H N N 96  
GLY H2   H N N 97  
GLY HA2  H N N 98  
GLY HA3  H N N 99  
GLY HXT  H N N 100 
HIS N    N N N 101 
HIS CA   C N S 102 
HIS C    C N N 103 
HIS O    O N N 104 
HIS CB   C N N 105 
HIS CG   C Y N 106 
HIS ND1  N Y N 107 
HIS CD2  C Y N 108 
HIS CE1  C Y N 109 
HIS NE2  N Y N 110 
HIS OXT  O N N 111 
HIS H    H N N 112 
HIS H2   H N N 113 
HIS HA   H N N 114 
HIS HB2  H N N 115 
HIS HB3  H N N 116 
HIS HD1  H N N 117 
HIS HD2  H N N 118 
HIS HE1  H N N 119 
HIS HE2  H N N 120 
HIS HXT  H N N 121 
HOH O    O N N 122 
HOH H1   H N N 123 
HOH H2   H N N 124 
NH2 N    N N N 125 
NH2 HN1  H N N 126 
NH2 HN2  H N N 127 
PRO N    N N N 128 
PRO CA   C N S 129 
PRO C    C N N 130 
PRO O    O N N 131 
PRO CB   C N N 132 
PRO CG   C N N 133 
PRO CD   C N N 134 
PRO OXT  O N N 135 
PRO H    H N N 136 
PRO HA   H N N 137 
PRO HB2  H N N 138 
PRO HB3  H N N 139 
PRO HG2  H N N 140 
PRO HG3  H N N 141 
PRO HD2  H N N 142 
PRO HD3  H N N 143 
PRO HXT  H N N 144 
SER N    N N N 145 
SER CA   C N S 146 
SER C    C N N 147 
SER O    O N N 148 
SER CB   C N N 149 
SER OG   O N N 150 
SER OXT  O N N 151 
SER H    H N N 152 
SER H2   H N N 153 
SER HA   H N N 154 
SER HB2  H N N 155 
SER HB3  H N N 156 
SER HG   H N N 157 
SER HXT  H N N 158 
TYR N    N N N 159 
TYR CA   C N S 160 
TYR C    C N N 161 
TYR O    O N N 162 
TYR CB   C N N 163 
TYR CG   C Y N 164 
TYR CD1  C Y N 165 
TYR CD2  C Y N 166 
TYR CE1  C Y N 167 
TYR CE2  C Y N 168 
TYR CZ   C Y N 169 
TYR OH   O N N 170 
TYR OXT  O N N 171 
TYR H    H N N 172 
TYR H2   H N N 173 
TYR HA   H N N 174 
TYR HB2  H N N 175 
TYR HB3  H N N 176 
TYR HD1  H N N 177 
TYR HD2  H N N 178 
TYR HE1  H N N 179 
TYR HE2  H N N 180 
TYR HH   H N N 181 
TYR HXT  H N N 182 
# 
loop_
_chem_comp_bond.comp_id 
_chem_comp_bond.atom_id_1 
_chem_comp_bond.atom_id_2 
_chem_comp_bond.value_order 
_chem_comp_bond.pdbx_aromatic_flag 
_chem_comp_bond.pdbx_stereo_config 
_chem_comp_bond.pdbx_ordinal 
ALA N   CA   sing N N 1   
ALA N   H    sing N N 2   
ALA N   H2   sing N N 3   
ALA CA  C    sing N N 4   
ALA CA  CB   sing N N 5   
ALA CA  HA   sing N N 6   
ALA C   O    doub N N 7   
ALA C   OXT  sing N N 8   
ALA CB  HB1  sing N N 9   
ALA CB  HB2  sing N N 10  
ALA CB  HB3  sing N N 11  
ALA OXT HXT  sing N N 12  
ARG N   CA   sing N N 13  
ARG N   H    sing N N 14  
ARG N   H2   sing N N 15  
ARG CA  C    sing N N 16  
ARG CA  CB   sing N N 17  
ARG CA  HA   sing N N 18  
ARG C   O    doub N N 19  
ARG C   OXT  sing N N 20  
ARG CB  CG   sing N N 21  
ARG CB  HB2  sing N N 22  
ARG CB  HB3  sing N N 23  
ARG CG  CD   sing N N 24  
ARG CG  HG2  sing N N 25  
ARG CG  HG3  sing N N 26  
ARG CD  NE   sing N N 27  
ARG CD  HD2  sing N N 28  
ARG CD  HD3  sing N N 29  
ARG NE  CZ   sing N N 30  
ARG NE  HE   sing N N 31  
ARG CZ  NH1  sing N N 32  
ARG CZ  NH2  doub N N 33  
ARG NH1 HH11 sing N N 34  
ARG NH1 HH12 sing N N 35  
ARG NH2 HH21 sing N N 36  
ARG NH2 HH22 sing N N 37  
ARG OXT HXT  sing N N 38  
ASN N   CA   sing N N 39  
ASN N   H    sing N N 40  
ASN N   H2   sing N N 41  
ASN CA  C    sing N N 42  
ASN CA  CB   sing N N 43  
ASN CA  HA   sing N N 44  
ASN C   O    doub N N 45  
ASN C   OXT  sing N N 46  
ASN CB  CG   sing N N 47  
ASN CB  HB2  sing N N 48  
ASN CB  HB3  sing N N 49  
ASN CG  OD1  doub N N 50  
ASN CG  ND2  sing N N 51  
ASN ND2 HD21 sing N N 52  
ASN ND2 HD22 sing N N 53  
ASN OXT HXT  sing N N 54  
CYS N   CA   sing N N 55  
CYS N   H    sing N N 56  
CYS N   H2   sing N N 57  
CYS CA  C    sing N N 58  
CYS CA  CB   sing N N 59  
CYS CA  HA   sing N N 60  
CYS C   O    doub N N 61  
CYS C   OXT  sing N N 62  
CYS CB  SG   sing N N 63  
CYS CB  HB2  sing N N 64  
CYS CB  HB3  sing N N 65  
CYS SG  HG   sing N N 66  
CYS OXT HXT  sing N N 67  
GLU N   CA   sing N N 68  
GLU N   H    sing N N 69  
GLU N   H2   sing N N 70  
GLU CA  C    sing N N 71  
GLU CA  CB   sing N N 72  
GLU CA  HA   sing N N 73  
GLU C   O    doub N N 74  
GLU C   OXT  sing N N 75  
GLU CB  CG   sing N N 76  
GLU CB  HB2  sing N N 77  
GLU CB  HB3  sing N N 78  
GLU CG  CD   sing N N 79  
GLU CG  HG2  sing N N 80  
GLU CG  HG3  sing N N 81  
GLU CD  OE1  doub N N 82  
GLU CD  OE2  sing N N 83  
GLU OE2 HE2  sing N N 84  
GLU OXT HXT  sing N N 85  
GLY N   CA   sing N N 86  
GLY N   H    sing N N 87  
GLY N   H2   sing N N 88  
GLY CA  C    sing N N 89  
GLY CA  HA2  sing N N 90  
GLY CA  HA3  sing N N 91  
GLY C   O    doub N N 92  
GLY C   OXT  sing N N 93  
GLY OXT HXT  sing N N 94  
HIS N   CA   sing N N 95  
HIS N   H    sing N N 96  
HIS N   H2   sing N N 97  
HIS CA  C    sing N N 98  
HIS CA  CB   sing N N 99  
HIS CA  HA   sing N N 100 
HIS C   O    doub N N 101 
HIS C   OXT  sing N N 102 
HIS CB  CG   sing N N 103 
HIS CB  HB2  sing N N 104 
HIS CB  HB3  sing N N 105 
HIS CG  ND1  sing Y N 106 
HIS CG  CD2  doub Y N 107 
HIS ND1 CE1  doub Y N 108 
HIS ND1 HD1  sing N N 109 
HIS CD2 NE2  sing Y N 110 
HIS CD2 HD2  sing N N 111 
HIS CE1 NE2  sing Y N 112 
HIS CE1 HE1  sing N N 113 
HIS NE2 HE2  sing N N 114 
HIS OXT HXT  sing N N 115 
HOH O   H1   sing N N 116 
HOH O   H2   sing N N 117 
NH2 N   HN1  sing N N 118 
NH2 N   HN2  sing N N 119 
PRO N   CA   sing N N 120 
PRO N   CD   sing N N 121 
PRO N   H    sing N N 122 
PRO CA  C    sing N N 123 
PRO CA  CB   sing N N 124 
PRO CA  HA   sing N N 125 
PRO C   O    doub N N 126 
PRO C   OXT  sing N N 127 
PRO CB  CG   sing N N 128 
PRO CB  HB2  sing N N 129 
PRO CB  HB3  sing N N 130 
PRO CG  CD   sing N N 131 
PRO CG  HG2  sing N N 132 
PRO CG  HG3  sing N N 133 
PRO CD  HD2  sing N N 134 
PRO CD  HD3  sing N N 135 
PRO OXT HXT  sing N N 136 
SER N   CA   sing N N 137 
SER N   H    sing N N 138 
SER N   H2   sing N N 139 
SER CA  C    sing N N 140 
SER CA  CB   sing N N 141 
SER CA  HA   sing N N 142 
SER C   O    doub N N 143 
SER C   OXT  sing N N 144 
SER CB  OG   sing N N 145 
SER CB  HB2  sing N N 146 
SER CB  HB3  sing N N 147 
SER OG  HG   sing N N 148 
SER OXT HXT  sing N N 149 
TYR N   CA   sing N N 150 
TYR N   H    sing N N 151 
TYR N   H2   sing N N 152 
TYR CA  C    sing N N 153 
TYR CA  CB   sing N N 154 
TYR CA  HA   sing N N 155 
TYR C   O    doub N N 156 
TYR C   OXT  sing N N 157 
TYR CB  CG   sing N N 158 
TYR CB  HB2  sing N N 159 
TYR CB  HB3  sing N N 160 
TYR CG  CD1  doub Y N 161 
TYR CG  CD2  sing Y N 162 
TYR CD1 CE1  sing Y N 163 
TYR CD1 HD1  sing N N 164 
TYR CD2 CE2  doub Y N 165 
TYR CD2 HD2  sing N N 166 
TYR CE1 CZ   doub Y N 167 
TYR CE1 HE1  sing N N 168 
TYR CE2 CZ   sing Y N 169 
TYR CE2 HE2  sing N N 170 
TYR CZ  OH   sing N N 171 
TYR OH  HH   sing N N 172 
TYR OXT HXT  sing N N 173 
# 
_atom_sites.entry_id                    1NOT 
_atom_sites.fract_transf_matrix[1][1]   -0.00755254 
_atom_sites.fract_transf_matrix[1][2]   -0.04497301 
_atom_sites.fract_transf_matrix[1][3]   0.05072623 
_atom_sites.fract_transf_matrix[2][1]   0.00081436 
_atom_sites.fract_transf_matrix[2][2]   0.05118709 
_atom_sites.fract_transf_matrix[2][3]   0.04550285 
_atom_sites.fract_transf_matrix[3][1]   -0.04486192 
_atom_sites.fract_transf_matrix[3][2]   -0.00165062 
_atom_sites.fract_transf_matrix[3][3]   0.00265971 
_atom_sites.fract_transf_vector[1]      -0.201503 
_atom_sites.fract_transf_vector[2]      -0.082924 
_atom_sites.fract_transf_vector[3]      -0.317322 
# 
loop_
_atom_type.symbol 
C 
N 
O 
S 
# 
loop_
_atom_site.group_PDB 
_atom_site.id 
_atom_site.type_symbol 
_atom_site.label_atom_id 
_atom_site.label_alt_id 
_atom_site.label_comp_id 
_atom_site.label_asym_id 
_atom_site.label_entity_id 
_atom_site.label_seq_id 
_atom_site.pdbx_PDB_ins_code 
_atom_site.Cartn_x 
_atom_site.Cartn_y 
_atom_site.Cartn_z 
_atom_site.occupancy 
_atom_site.B_iso_or_equiv 
_atom_site.pdbx_formal_charge 
_atom_site.auth_seq_id 
_atom_site.auth_comp_id 
_atom_site.auth_asym_id 
_atom_site.auth_atom_id 
_atom_site.pdbx_PDB_model_num 
ATOM   1   N N   . GLU A 1 1  ? -5.751  5.976  -0.146 1.00 29.06 ? 1  GLU A N   1 
ATOM   2   C CA  . GLU A 1 1  ? -5.433  4.531  0.043  1.00 25.34 ? 1  GLU A CA  1 
ATOM   3   C C   . GLU A 1 1  ? -4.321  4.084  -0.885 1.00 19.50 ? 1  GLU A C   1 
ATOM   4   O O   . GLU A 1 1  ? -4.095  4.682  -1.934 1.00 21.67 ? 1  GLU A O   1 
ATOM   5   C CB  . GLU A 1 1  ? -6.658  3.648  -0.231 1.00 27.67 ? 1  GLU A CB  1 
ATOM   6   C CG  . GLU A 1 1  ? -7.716  3.642  0.863  1.00 34.82 ? 1  GLU A CG  1 
ATOM   7   C CD  . GLU A 1 1  ? -8.643  2.428  0.805  1.00 40.81 ? 1  GLU A CD  1 
ATOM   8   O OE1 . GLU A 1 1  ? -8.696  1.718  -0.230 1.00 37.57 ? 1  GLU A OE1 1 
ATOM   9   O OE2 . GLU A 1 1  ? -9.331  2.188  1.819  1.00 37.21 ? 1  GLU A OE2 1 
ATOM   10  N N   . CYS A 1 2  ? -3.672  2.995  -0.501 1.00 10.17 ? 2  CYS A N   1 
ATOM   11  C CA  . CYS A 1 2  ? -2.592  2.390  -1.268 1.00 7.19  ? 2  CYS A CA  1 
ATOM   12  C C   . CYS A 1 2  ? -2.787  0.911  -0.951 1.00 7.88  ? 2  CYS A C   1 
ATOM   13  O O   . CYS A 1 2  ? -2.406  0.427  0.125  1.00 9.25  ? 2  CYS A O   1 
ATOM   14  C CB  . CYS A 1 2  ? -1.238  2.884  -0.764 1.00 6.33  ? 2  CYS A CB  1 
ATOM   15  S SG  . CYS A 1 2  ? 0.067   2.721  -2.013 1.00 8.75  ? 2  CYS A SG  1 
ATOM   16  N N   . CYS A 1 3  ? -3.425  0.212  -1.880 1.00 6.75  ? 3  CYS A N   1 
ATOM   17  C CA  . CYS A 1 3  ? -3.789  -1.191 -1.721 1.00 7.35  ? 3  CYS A CA  1 
ATOM   18  C C   . CYS A 1 3  ? -2.945  -2.187 -2.481 1.00 7.54  ? 3  CYS A C   1 
ATOM   19  O O   . CYS A 1 3  ? -3.135  -3.390 -2.346 1.00 10.12 ? 3  CYS A O   1 
ATOM   20  C CB  . CYS A 1 3  ? -5.242  -1.372 -2.149 1.00 7.25  ? 3  CYS A CB  1 
ATOM   21  S SG  . CYS A 1 3  ? -6.432  -0.519 -1.072 1.00 11.52 ? 3  CYS A SG  1 
ATOM   22  N N   . ASN A 1 4  ? -2.020  -1.700 -3.291 1.00 7.66  ? 4  ASN A N   1 
ATOM   23  C CA  . ASN A 1 4  ? -1.184  -2.600 -4.075 1.00 6.97  ? 4  ASN A CA  1 
ATOM   24  C C   . ASN A 1 4  ? -0.022  -3.120 -3.260 1.00 6.94  ? 4  ASN A C   1 
ATOM   25  O O   . ASN A 1 4  ? 0.490   -2.424 -2.391 1.00 6.94  ? 4  ASN A O   1 
ATOM   26  C CB  . ASN A 1 4  ? -0.613  -1.864 -5.288 1.00 13.57 ? 4  ASN A CB  1 
ATOM   27  C CG  . ASN A 1 4  ? -1.598  -0.897 -5.903 1.00 18.92 ? 4  ASN A CG  1 
ATOM   28  O OD1 . ASN A 1 4  ? -1.473  0.334  -5.740 1.00 16.30 ? 4  ASN A OD1 1 
ATOM   29  N ND2 . ASN A 1 4  ? -2.601  -1.435 -6.588 1.00 15.61 ? 4  ASN A ND2 1 
ATOM   30  N N   . PRO A 1 5  ? 0.423   -4.359 -3.532 1.00 7.27  ? 5  PRO A N   1 
ATOM   31  C CA  . PRO A 1 5  ? 1.562   -4.894 -2.786 1.00 8.01  ? 5  PRO A CA  1 
ATOM   32  C C   . PRO A 1 5  ? 2.771   -3.957 -2.873 1.00 7.00  ? 5  PRO A C   1 
ATOM   33  O O   . PRO A 1 5  ? 3.501   -3.780 -1.898 1.00 8.66  ? 5  PRO A O   1 
ATOM   34  C CB  . PRO A 1 5  ? 1.842   -6.201 -3.509 1.00 8.95  ? 5  PRO A CB  1 
ATOM   35  C CG  . PRO A 1 5  ? 0.464   -6.664 -3.870 1.00 12.22 ? 5  PRO A CG  1 
ATOM   36  C CD  . PRO A 1 5  ? -0.213  -5.405 -4.355 1.00 8.70  ? 5  PRO A CD  1 
ATOM   37  N N   . ALA A 1 6  ? 2.953   -3.318 -4.034 1.00 6.44  ? 6  ALA A N   1 
ATOM   38  C CA  . ALA A 1 6  ? 4.091   -2.407 -4.240 1.00 8.61  ? 6  ALA A CA  1 
ATOM   39  C C   . ALA A 1 6  ? 4.074   -1.192 -3.319 1.00 8.17  ? 6  ALA A C   1 
ATOM   40  O O   . ALA A 1 6  ? 5.063   -0.466 -3.217 1.00 9.79  ? 6  ALA A O   1 
ATOM   41  C CB  . ALA A 1 6  ? 4.178   -1.973 -5.713 1.00 7.32  ? 6  ALA A CB  1 
ATOM   42  N N   . CYS A 1 7  ? 2.950   -0.941 -2.661 1.00 7.11  ? 7  CYS A N   1 
ATOM   43  C CA  . CYS A 1 7  ? 2.867   0.169  -1.723 1.00 6.73  ? 7  CYS A CA  1 
ATOM   44  C C   . CYS A 1 7  ? 3.865   -0.007 -0.596 1.00 6.56  ? 7  CYS A C   1 
ATOM   45  O O   . CYS A 1 7  ? 4.335   0.976  -0.027 1.00 7.81  ? 7  CYS A O   1 
ATOM   46  C CB  . CYS A 1 7  ? 1.481   0.239  -1.107 1.00 9.01  ? 7  CYS A CB  1 
ATOM   47  S SG  . CYS A 1 7  ? 0.206   0.714  -2.291 1.00 7.73  ? 7  CYS A SG  1 
ATOM   48  N N   . GLY A 1 8  ? 4.165   -1.258 -0.242 1.00 7.71  ? 8  GLY A N   1 
ATOM   49  C CA  . GLY A 1 8  ? 5.125   -1.518 0.816  1.00 8.76  ? 8  GLY A CA  1 
ATOM   50  C C   . GLY A 1 8  ? 4.777   -0.805 2.104  1.00 9.91  ? 8  GLY A C   1 
ATOM   51  O O   . GLY A 1 8  ? 3.650   -0.907 2.600  1.00 7.90  ? 8  GLY A O   1 
ATOM   52  N N   . ARG A 1 9  ? 5.709   -0.014 2.614  1.00 7.93  ? 9  ARG A N   1 
ATOM   53  C CA  . ARG A 1 9  ? 5.475   0.698  3.860  1.00 7.92  ? 9  ARG A CA  1 
ATOM   54  C C   . ARG A 1 9  ? 4.342   1.716  3.799  1.00 8.21  ? 9  ARG A C   1 
ATOM   55  O O   . ARG A 1 9  ? 3.870   2.185  4.830  1.00 9.28  ? 9  ARG A O   1 
ATOM   56  C CB  . ARG A 1 9  ? 6.749   1.371  4.348  1.00 9.62  ? 9  ARG A CB  1 
ATOM   57  C CG  . ARG A 1 9  ? 7.207   2.562  3.528  1.00 9.90  ? 9  ARG A CG  1 
ATOM   58  C CD  . ARG A 1 9  ? 8.396   3.178  4.241  1.00 16.75 ? 9  ARG A CD  1 
ATOM   59  N NE  . ARG A 1 9  ? 8.950   4.368  3.600  1.00 18.21 ? 9  ARG A NE  1 
ATOM   60  C CZ  . ARG A 1 9  ? 8.766   5.608  4.042  1.00 14.96 ? 9  ARG A CZ  1 
ATOM   61  N NH1 . ARG A 1 9  ? 7.931   5.851  5.044  1.00 14.61 ? 9  ARG A NH1 1 
ATOM   62  N NH2 . ARG A 1 9  ? 9.341   6.617  3.412  1.00 22.37 ? 9  ARG A NH2 1 
ATOM   63  N N   . HIS A 1 10 ? 3.900   2.053  2.595  1.00 6.56  ? 10 HIS A N   1 
ATOM   64  C CA  . HIS A 1 10 ? 2.823   3.021  2.428  1.00 6.41  ? 10 HIS A CA  1 
ATOM   65  C C   . HIS A 1 10 ? 1.475   2.342  2.309  1.00 5.41  ? 10 HIS A C   1 
ATOM   66  O O   . HIS A 1 10 ? 0.466   2.999  2.075  1.00 9.16  ? 10 HIS A O   1 
ATOM   67  C CB  . HIS A 1 10 ? 3.079   3.894  1.190  1.00 5.03  ? 10 HIS A CB  1 
ATOM   68  C CG  . HIS A 1 10 ? 4.385   4.619  1.243  1.00 7.28  ? 10 HIS A CG  1 
ATOM   69  N ND1 . HIS A 1 10 ? 4.617   5.668  2.103  1.00 10.37 ? 10 HIS A ND1 1 
ATOM   70  C CD2 . HIS A 1 10 ? 5.561   4.389  0.603  1.00 7.83  ? 10 HIS A CD2 1 
ATOM   71  C CE1 . HIS A 1 10 ? 5.876   6.053  2.001  1.00 8.34  ? 10 HIS A CE1 1 
ATOM   72  N NE2 . HIS A 1 10 ? 6.471   5.291  1.099  1.00 9.29  ? 10 HIS A NE2 1 
ATOM   73  N N   . TYR A 1 11 ? 1.462   1.024  2.424  1.00 6.33  ? 11 TYR A N   1 
ATOM   74  C CA  . TYR A 1 11 ? 0.215   0.275  2.322  1.00 6.60  ? 11 TYR A CA  1 
ATOM   75  C C   . TYR A 1 11 ? -0.781  0.818  3.353  1.00 6.66  ? 11 TYR A C   1 
ATOM   76  O O   . TYR A 1 11 ? -0.449  0.988  4.525  1.00 8.78  ? 11 TYR A O   1 
ATOM   77  C CB  . TYR A 1 11 ? 0.470   -1.212 2.566  1.00 6.84  ? 11 TYR A CB  1 
ATOM   78  C CG  . TYR A 1 11 ? -0.793  -2.060 2.502  1.00 9.80  ? 11 TYR A CG  1 
ATOM   79  C CD1 . TYR A 1 11 ? -1.232  -2.628 1.297  1.00 16.46 ? 11 TYR A CD1 1 
ATOM   80  C CD2 . TYR A 1 11 ? -1.550  -2.294 3.652  1.00 9.97  ? 11 TYR A CD2 1 
ATOM   81  C CE1 . TYR A 1 11 ? -2.391  -3.402 1.244  1.00 11.18 ? 11 TYR A CE1 1 
ATOM   82  C CE2 . TYR A 1 11 ? -2.704  -3.064 3.609  1.00 15.52 ? 11 TYR A CE2 1 
ATOM   83  C CZ  . TYR A 1 11 ? -3.120  -3.609 2.407  1.00 15.59 ? 11 TYR A CZ  1 
ATOM   84  O OH  . TYR A 1 11 ? -4.264  -4.384 2.378  1.00 16.64 ? 11 TYR A OH  1 
ATOM   85  N N   . SER A 1 12 ? -1.982  1.138  2.893  1.00 6.91  ? 12 SER A N   1 
ATOM   86  C CA  . SER A 1 12 ? -3.030  1.652  3.765  1.00 9.13  ? 12 SER A CA  1 
ATOM   87  C C   . SER A 1 12 ? -4.265  1.352  2.943  1.00 10.01 ? 12 SER A C   1 
ATOM   88  O O   . SER A 1 12 ? -4.552  2.042  1.967  1.00 11.17 ? 12 SER A O   1 
ATOM   89  C CB  . SER A 1 12 ? -2.874  3.152  3.986  1.00 14.36 ? 12 SER A CB  1 
ATOM   90  O OG  . SER A 1 12 ? -3.916  3.650  4.810  1.00 16.91 ? 12 SER A OG  1 
ATOM   91  N N   . CYS A 1 13 ? -4.990  0.319  3.344  1.00 11.57 ? 13 CYS A N   1 
ATOM   92  C CA  . CYS A 1 13 ? -6.129  -0.127 2.579  1.00 8.32  ? 13 CYS A CA  1 
ATOM   93  C C   . CYS A 1 13 ? -7.312  -0.550 3.456  1.00 10.88 ? 13 CYS A C   1 
ATOM   94  O O   . CYS A 1 13 ? -7.139  -1.456 4.289  1.00 12.41 ? 13 CYS A O   1 
ATOM   95  C CB  . CYS A 1 13 ? -5.628  -1.292 1.733  1.00 10.69 ? 13 CYS A CB  1 
ATOM   96  S SG  . CYS A 1 13 ? -6.728  -1.848 0.418  1.00 12.20 ? 13 CYS A SG  1 
HETATM 97  N N   . NH2 A 1 14 ? -8.460  0.085  3.301  1.00 13.69 ? 14 NH2 A N   1 
HETATM 98  O O   . HOH B 2 .  ? -4.060  6.805  4.612  1.00 35.65 ? 15 HOH A O   1 
HETATM 99  O O   . HOH B 2 .  ? -5.973  4.976  3.406  1.00 35.04 ? 16 HOH A O   1 
HETATM 100 O O   . HOH B 2 .  ? -11.795 2.898  0.720  1.00 36.09 ? 17 HOH A O   1 
HETATM 101 O O   . HOH B 2 .  ? 12.145  6.310  3.714  1.00 44.73 ? 18 HOH A O   1 
HETATM 102 O O   . HOH B 2 .  ? 6.377   -4.460 -2.282 1.00 48.15 ? 19 HOH A O   1 
HETATM 103 O O   . HOH B 2 .  ? 7.436   -0.473 -4.631 1.00 20.88 ? 20 HOH A O   1 
HETATM 104 O O   . HOH B 2 .  ? 9.579   8.613  5.278  1.00 29.05 ? 21 HOH A O   1 
HETATM 105 O O   . HOH B 2 .  ? -6.116  -5.839 4.845  1.00 47.20 ? 22 HOH A O   1 
HETATM 106 O O   . HOH B 2 .  ? -2.006  -5.883 -1.074 1.00 28.04 ? 23 HOH A O   1 
HETATM 107 O O   . HOH B 2 .  ? -2.982  -4.582 -7.742 1.00 28.99 ? 24 HOH A O   1 
HETATM 108 O O   . HOH B 2 .  ? 11.496  3.769  1.900  1.00 35.75 ? 25 HOH A O   1 
HETATM 109 O O   . HOH B 2 .  ? 2.018   -4.125 -6.699 1.00 7.86  ? 26 HOH A O   1 
HETATM 110 O O   . HOH B 2 .  ? -0.143  5.561  1.766  1.00 11.37 ? 27 HOH A O   1 
HETATM 111 O O   . HOH B 2 .  ? 5.590   4.241  6.255  1.00 16.59 ? 28 HOH A O   1 
HETATM 112 O O   . HOH B 2 .  ? 1.823   0.681  6.037  1.00 23.20 ? 29 HOH A O   1 
HETATM 113 O O   . HOH B 2 .  ? -0.778  1.315  7.364  1.00 30.45 ? 30 HOH A O   1 
HETATM 114 O O   . HOH B 2 .  ? -3.243  2.784  7.489  1.00 25.23 ? 31 HOH A O   1 
HETATM 115 O O   . HOH B 2 .  ? 8.340   -0.194 1.551  1.00 19.06 ? 32 HOH A O   1 
HETATM 116 O O   . HOH B 2 .  ? -4.086  1.467  -4.432 1.00 28.80 ? 33 HOH A O   1 
HETATM 117 O O   . HOH B 2 .  ? -4.483  -0.584 5.934  1.00 20.57 ? 34 HOH A O   1 
HETATM 118 O O   . HOH B 2 .  ? 6.154   2.172  -2.125 1.00 18.98 ? 35 HOH A O   1 
# 
